data_1EQU
#
_entry.id   1EQU
#
_cell.length_a   44.020
_cell.length_b   114.160
_cell.length_c   114.840
_cell.angle_alpha   90.00
_cell.angle_beta   90.00
_cell.angle_gamma   90.00
#
_symmetry.space_group_name_H-M   'P 21 21 21'
#
loop_
_entity.id
_entity.type
_entity.pdbx_description
1 polymer 'PROTEIN (ESTRADIOL 17 BETA-DEHYDROGENASE 1)'
2 non-polymer 'NADP NICOTINAMIDE-ADENINE-DINUCLEOTIDE PHOSPHATE'
3 non-polymer EQUILIN
4 water water
#
_entity_poly.entity_id   1
_entity_poly.type   'polypeptide(L)'
_entity_poly.pdbx_seq_one_letter_code
;ARTVVLITGCSSGIGLHLAVRLASDPSQSFKVYATLRDLKTQGRLWEAARALACPPGSLETLQLDVRDSKSVAAARERVT
EGRVDVLVCNAGLGLLGPLEALGEDAVASVLDVNVVGTVRMLQAFLPDMKRRGSGRVLVTGSVGGLMGLPFNDVYCASKF
ALEGLCESLAVLLLPFGVHLSLIECGPVHTAFMEKVLGSPEEVLDRTDIHTFHRFYQYLAHSKQVFREAAQNPEEVAEVF
LTALRAPKPTLRYFTTERFLPLLRMRLDDPSGSNYVTAMHREVFGDVPAKAEAGAEAGGGAGPGAEDEAGRSAVGDPELG
DPPAAPQ
;
_entity_poly.pdbx_strand_id   A,B
#
loop_
_chem_comp.id
_chem_comp.type
_chem_comp.name
_chem_comp.formula
EQI non-polymer EQUILIN 'C18 H20 O2'
NAP non-polymer 'NADP NICOTINAMIDE-ADENINE-DINUCLEOTIDE PHOSPHATE' 'C21 H28 N7 O17 P3'
#
# COMPACT_ATOMS: atom_id res chain seq x y z
N ALA A 1 -6.90 36.10 -6.80
CA ALA A 1 -6.85 34.67 -7.21
C ALA A 1 -5.75 34.47 -8.25
N ARG A 2 -4.80 33.61 -7.92
CA ARG A 2 -3.65 33.29 -8.78
C ARG A 2 -3.51 31.79 -8.61
N THR A 3 -2.44 31.18 -9.12
CA THR A 3 -2.28 29.74 -8.96
C THR A 3 -2.27 29.43 -7.48
N VAL A 4 -3.42 29.02 -6.94
CA VAL A 4 -3.53 28.68 -5.53
C VAL A 4 -3.00 27.29 -5.29
N VAL A 5 -2.01 27.19 -4.40
CA VAL A 5 -1.39 25.93 -4.05
C VAL A 5 -1.62 25.62 -2.57
N LEU A 6 -2.01 24.39 -2.27
CA LEU A 6 -2.26 23.97 -0.89
C LEU A 6 -1.37 22.75 -0.67
N ILE A 7 -0.39 22.90 0.21
CA ILE A 7 0.57 21.85 0.46
C ILE A 7 0.50 21.33 1.89
N THR A 8 0.66 20.03 2.10
CA THR A 8 0.67 19.48 3.46
C THR A 8 2.06 19.11 3.97
N GLY A 9 2.20 19.17 5.28
CA GLY A 9 3.44 18.88 5.95
C GLY A 9 4.46 19.92 5.57
N CYS A 10 4.14 21.20 5.74
CA CYS A 10 5.07 22.27 5.39
C CYS A 10 6.03 22.70 6.50
N SER A 11 5.90 22.07 7.67
CA SER A 11 6.73 22.38 8.82
C SER A 11 8.20 22.12 8.55
N SER A 12 8.49 21.18 7.64
CA SER A 12 9.88 20.88 7.32
C SER A 12 10.18 20.07 6.06
N GLY A 13 11.47 19.88 5.83
CA GLY A 13 11.91 19.10 4.69
C GLY A 13 11.31 19.60 3.40
N ILE A 14 10.93 18.67 2.53
CA ILE A 14 10.37 19.05 1.24
C ILE A 14 9.11 19.89 1.34
N GLY A 15 8.33 19.70 2.39
CA GLY A 15 7.11 20.46 2.54
C GLY A 15 7.35 21.93 2.82
N LEU A 16 8.50 22.25 3.40
CA LEU A 16 8.88 23.63 3.73
C LEU A 16 9.50 24.29 2.53
N HIS A 17 10.65 23.77 2.12
CA HIS A 17 11.36 24.33 0.99
C HIS A 17 10.42 24.56 -0.17
N LEU A 18 9.50 23.62 -0.41
CA LEU A 18 8.52 23.75 -1.48
C LEU A 18 7.67 24.97 -1.21
N ALA A 19 6.97 25.00 -0.09
CA ALA A 19 6.13 26.15 0.22
C ALA A 19 6.84 27.50 -0.02
N VAL A 20 8.09 27.62 0.43
CA VAL A 20 8.82 28.87 0.23
C VAL A 20 9.30 29.10 -1.21
N ARG A 21 9.64 28.03 -1.92
CA ARG A 21 10.11 28.10 -3.31
C ARG A 21 8.96 28.62 -4.16
N LEU A 22 7.80 28.03 -3.94
CA LEU A 22 6.61 28.41 -4.67
C LEU A 22 6.19 29.84 -4.31
N ALA A 23 6.03 30.11 -3.02
CA ALA A 23 5.66 31.45 -2.58
C ALA A 23 6.62 32.56 -3.03
N SER A 24 7.92 32.37 -2.89
CA SER A 24 8.92 33.39 -3.26
C SER A 24 9.26 33.45 -4.75
N ASP A 25 8.54 32.71 -5.56
CA ASP A 25 8.81 32.68 -6.99
C ASP A 25 8.84 34.09 -7.54
N PRO A 26 9.86 34.40 -8.36
CA PRO A 26 10.02 35.72 -8.98
C PRO A 26 8.85 36.18 -9.85
N SER A 27 7.99 35.26 -10.26
CA SER A 27 6.86 35.66 -11.07
C SER A 27 5.60 35.80 -10.23
N GLN A 28 5.79 36.03 -8.94
CA GLN A 28 4.70 36.15 -7.97
C GLN A 28 3.35 35.57 -8.38
N SER A 29 3.38 34.38 -8.98
CA SER A 29 2.14 33.77 -9.42
C SER A 29 1.57 32.71 -8.52
N PHE A 30 2.32 32.29 -7.51
CA PHE A 30 1.81 31.26 -6.64
C PHE A 30 1.39 31.79 -5.28
N LYS A 31 0.14 31.49 -4.90
CA LYS A 31 -0.41 31.89 -3.61
C LYS A 31 -0.46 30.58 -2.89
N VAL A 32 0.43 30.41 -1.93
CA VAL A 32 0.52 29.16 -1.23
C VAL A 32 -0.05 29.13 0.17
N TYR A 33 -0.66 28.01 0.50
CA TYR A 33 -1.20 27.77 1.83
C TYR A 33 -0.38 26.63 2.40
N ALA A 34 0.58 26.98 3.22
CA ALA A 34 1.41 25.96 3.81
C ALA A 34 0.69 25.48 5.03
N THR A 35 0.20 24.25 4.97
CA THR A 35 -0.46 23.66 6.14
C THR A 35 0.54 22.90 7.04
N LEU A 36 0.24 22.87 8.34
CA LEU A 36 1.10 22.22 9.31
C LEU A 36 0.25 21.38 10.24
N ARG A 37 0.75 20.20 10.59
CA ARG A 37 0.09 19.26 11.50
C ARG A 37 -0.16 20.01 12.79
N ASP A 38 0.87 20.75 13.23
CA ASP A 38 0.81 21.58 14.43
C ASP A 38 1.43 22.95 14.10
N LEU A 39 0.65 24.04 14.21
CA LEU A 39 1.16 25.39 13.92
C LEU A 39 2.40 25.81 14.72
N LYS A 40 2.47 25.45 16.00
CA LYS A 40 3.60 25.79 16.87
C LYS A 40 4.94 25.49 16.21
N THR A 41 4.89 24.69 15.15
CA THR A 41 6.10 24.32 14.44
C THR A 41 6.42 25.17 13.22
N GLN A 42 5.69 26.28 13.02
CA GLN A 42 5.85 27.18 11.87
C GLN A 42 6.94 28.24 12.00
N GLY A 43 7.88 28.03 12.90
CA GLY A 43 8.94 29.00 13.05
C GLY A 43 9.92 28.91 11.90
N ARG A 44 10.62 27.79 11.79
CA ARG A 44 11.61 27.61 10.74
C ARG A 44 11.03 27.92 9.35
N LEU A 45 9.72 27.76 9.20
CA LEU A 45 9.07 28.01 7.92
C LEU A 45 9.14 29.49 7.69
N TRP A 46 8.49 30.25 8.57
CA TRP A 46 8.45 31.70 8.50
C TRP A 46 9.83 32.30 8.38
N GLU A 47 10.78 31.73 9.12
CA GLU A 47 12.16 32.20 9.11
C GLU A 47 12.74 32.14 7.69
N ALA A 48 12.50 31.03 7.00
CA ALA A 48 12.98 30.84 5.63
C ALA A 48 12.24 31.80 4.71
N ALA A 49 10.95 31.96 4.97
CA ALA A 49 10.11 32.85 4.19
C ALA A 49 10.73 34.24 4.18
N ARG A 50 11.11 34.70 5.37
CA ARG A 50 11.73 36.00 5.56
C ARG A 50 13.08 35.99 4.88
N ALA A 51 13.86 34.94 5.11
CA ALA A 51 15.19 34.81 4.50
C ALA A 51 15.19 34.97 2.98
N LEU A 52 14.05 34.72 2.35
CA LEU A 52 13.93 34.88 0.90
C LEU A 52 13.14 36.15 0.52
N ALA A 53 12.63 36.83 1.54
CA ALA A 53 11.87 38.04 1.35
C ALA A 53 10.64 37.67 0.54
N CYS A 54 10.16 36.45 0.76
CA CYS A 54 8.97 35.94 0.06
C CYS A 54 7.78 36.90 0.26
N PRO A 55 7.57 37.82 -0.70
CA PRO A 55 6.53 38.85 -0.75
C PRO A 55 5.24 38.65 0.03
N PRO A 56 4.68 39.75 0.56
CA PRO A 56 3.44 39.78 1.35
C PRO A 56 2.20 39.35 0.57
N GLY A 57 1.47 38.39 1.14
CA GLY A 57 0.26 37.88 0.51
C GLY A 57 0.38 36.52 -0.17
N SER A 58 1.62 36.09 -0.42
CA SER A 58 1.78 34.83 -1.09
C SER A 58 1.75 33.60 -0.20
N LEU A 59 2.31 33.64 1.00
CA LEU A 59 2.28 32.46 1.86
C LEU A 59 1.46 32.65 3.11
N GLU A 60 0.40 31.86 3.27
CA GLU A 60 -0.43 31.94 4.49
C GLU A 60 -0.34 30.58 5.18
N THR A 61 0.32 30.49 6.35
CA THR A 61 0.42 29.20 7.07
C THR A 61 -0.91 28.81 7.70
N LEU A 62 -1.25 27.54 7.60
CA LEU A 62 -2.52 27.03 8.09
C LEU A 62 -2.23 25.72 8.76
N GLN A 63 -3.04 25.31 9.73
CA GLN A 63 -2.78 24.03 10.39
C GLN A 63 -3.65 22.95 9.77
N LEU A 64 -3.08 21.77 9.56
CA LEU A 64 -3.82 20.67 8.93
C LEU A 64 -3.31 19.30 9.37
N ASP A 65 -4.03 18.64 10.27
CA ASP A 65 -3.63 17.31 10.72
C ASP A 65 -4.23 16.26 9.81
N VAL A 66 -3.40 15.65 8.95
CA VAL A 66 -3.86 14.65 8.00
C VAL A 66 -4.65 13.46 8.57
N ARG A 67 -4.45 13.16 9.84
CA ARG A 67 -5.17 12.08 10.48
C ARG A 67 -6.39 12.63 11.20
N ASP A 68 -7.12 13.54 10.56
CA ASP A 68 -8.30 14.16 11.15
C ASP A 68 -9.18 14.84 10.09
N SER A 69 -10.30 14.22 9.73
CA SER A 69 -11.20 14.77 8.70
C SER A 69 -11.76 16.14 9.07
N LYS A 70 -11.89 16.38 10.38
CA LYS A 70 -12.41 17.63 10.90
C LYS A 70 -11.37 18.71 10.58
N SER A 71 -10.12 18.40 10.90
CA SER A 71 -8.99 19.30 10.70
C SER A 71 -8.79 19.55 9.22
N VAL A 72 -9.06 18.55 8.40
CA VAL A 72 -8.85 18.75 6.99
C VAL A 72 -9.88 19.66 6.30
N ALA A 73 -11.15 19.38 6.49
CA ALA A 73 -12.20 20.18 5.85
C ALA A 73 -12.21 21.63 6.27
N ALA A 74 -11.82 21.92 7.50
CA ALA A 74 -11.78 23.28 7.99
C ALA A 74 -10.68 24.02 7.26
N ALA A 75 -9.53 23.39 7.13
CA ALA A 75 -8.40 24.01 6.43
C ALA A 75 -8.74 24.22 4.95
N ARG A 76 -9.85 23.64 4.53
CA ARG A 76 -10.29 23.75 3.17
C ARG A 76 -11.21 24.97 3.02
N GLU A 77 -12.06 25.20 4.02
CA GLU A 77 -13.01 26.31 4.01
C GLU A 77 -12.27 27.60 4.20
N ARG A 78 -11.04 27.49 4.72
CA ARG A 78 -10.23 28.65 4.96
C ARG A 78 -9.47 29.13 3.73
N VAL A 79 -9.75 28.52 2.58
CA VAL A 79 -9.10 28.93 1.34
C VAL A 79 -9.94 30.05 0.71
N THR A 80 -9.69 31.26 1.17
CA THR A 80 -10.38 32.45 0.70
C THR A 80 -10.57 32.56 -0.81
N GLU A 81 -9.58 32.12 -1.59
CA GLU A 81 -9.70 32.15 -3.05
C GLU A 81 -10.91 31.32 -3.50
N GLY A 82 -11.26 30.31 -2.70
CA GLY A 82 -12.39 29.46 -3.03
C GLY A 82 -12.04 28.43 -4.08
N ARG A 83 -10.76 28.18 -4.26
CA ARG A 83 -10.31 27.22 -5.23
C ARG A 83 -8.86 26.85 -4.96
N VAL A 84 -8.48 25.63 -5.30
CA VAL A 84 -7.11 25.17 -5.16
C VAL A 84 -6.79 24.65 -6.56
N ASP A 85 -5.69 25.08 -7.13
CA ASP A 85 -5.33 24.63 -8.47
C ASP A 85 -4.34 23.48 -8.31
N VAL A 86 -3.45 23.60 -7.34
CA VAL A 86 -2.47 22.56 -7.09
C VAL A 86 -2.57 22.14 -5.65
N LEU A 87 -2.71 20.85 -5.44
CA LEU A 87 -2.75 20.33 -4.11
C LEU A 87 -1.50 19.49 -4.07
N VAL A 88 -0.84 19.45 -2.92
CA VAL A 88 0.37 18.67 -2.77
C VAL A 88 0.29 17.86 -1.50
N CYS A 89 0.07 16.58 -1.68
CA CYS A 89 -0.01 15.67 -0.56
C CYS A 89 1.45 15.35 -0.25
N ASN A 90 1.92 15.85 0.89
CA ASN A 90 3.32 15.69 1.29
C ASN A 90 3.60 15.07 2.66
N ALA A 91 2.73 15.30 3.64
CA ALA A 91 2.93 14.73 4.99
C ALA A 91 3.27 13.25 4.89
N GLY A 92 3.97 12.74 5.91
CA GLY A 92 4.34 11.34 5.89
C GLY A 92 5.18 10.96 7.09
N LEU A 93 5.11 9.68 7.45
CA LEU A 93 5.83 9.13 8.59
C LEU A 93 6.74 8.01 8.13
N GLY A 94 7.84 7.83 8.85
CA GLY A 94 8.76 6.75 8.53
C GLY A 94 8.64 5.69 9.61
N LEU A 95 9.33 4.58 9.41
CA LEU A 95 9.35 3.51 10.39
C LEU A 95 10.42 2.55 9.96
N LEU A 96 11.32 2.26 10.90
CA LEU A 96 12.46 1.39 10.65
C LEU A 96 12.61 0.37 11.79
N GLY A 97 13.26 -0.75 11.45
CA GLY A 97 13.48 -1.80 12.43
C GLY A 97 12.86 -3.12 12.01
N PRO A 98 13.08 -4.18 12.81
CA PRO A 98 12.57 -5.53 12.60
C PRO A 98 11.08 -5.42 12.71
N LEU A 99 10.35 -6.03 11.76
CA LEU A 99 8.91 -5.92 11.78
C LEU A 99 8.37 -6.25 13.15
N GLU A 100 8.80 -7.39 13.69
CA GLU A 100 8.35 -7.83 15.01
C GLU A 100 8.78 -6.88 16.17
N ALA A 101 9.65 -5.92 15.83
CA ALA A 101 10.14 -4.96 16.80
C ALA A 101 9.25 -3.70 16.91
N LEU A 102 8.47 -3.41 15.86
CA LEU A 102 7.56 -2.25 15.84
C LEU A 102 6.37 -2.58 16.71
N GLY A 103 5.41 -1.66 16.80
CA GLY A 103 4.20 -1.89 17.58
C GLY A 103 2.93 -1.62 16.77
N GLU A 104 1.78 -2.11 17.21
CA GLU A 104 0.52 -1.87 16.48
C GLU A 104 0.25 -0.36 16.29
N ASP A 105 0.32 0.40 17.38
CA ASP A 105 0.08 1.82 17.30
C ASP A 105 1.02 2.45 16.27
N ALA A 106 2.30 2.15 16.39
CA ALA A 106 3.30 2.66 15.46
C ALA A 106 2.93 2.37 14.02
N VAL A 107 2.63 1.11 13.74
CA VAL A 107 2.23 0.69 12.40
C VAL A 107 0.96 1.43 11.92
N ALA A 108 -0.05 1.53 12.77
CA ALA A 108 -1.29 2.21 12.39
C ALA A 108 -1.07 3.67 12.00
N SER A 109 -0.28 4.38 12.81
CA SER A 109 0.03 5.77 12.53
C SER A 109 0.59 5.89 11.12
N VAL A 110 1.72 5.24 10.82
CA VAL A 110 2.31 5.33 9.49
C VAL A 110 1.26 5.18 8.38
N LEU A 111 0.44 4.14 8.43
CA LEU A 111 -0.57 3.93 7.38
C LEU A 111 -1.72 4.94 7.52
N ASP A 112 -1.90 5.43 8.74
CA ASP A 112 -2.95 6.41 9.04
C ASP A 112 -2.61 7.76 8.38
N VAL A 113 -1.39 8.22 8.64
CA VAL A 113 -0.87 9.49 8.15
C VAL A 113 -0.50 9.45 6.68
N ASN A 114 0.26 8.44 6.29
CA ASN A 114 0.70 8.29 4.90
C ASN A 114 -0.33 7.89 3.84
N VAL A 115 -1.33 7.10 4.19
CA VAL A 115 -2.30 6.67 3.20
C VAL A 115 -3.69 7.24 3.40
N VAL A 116 -4.29 6.95 4.55
CA VAL A 116 -5.64 7.42 4.78
C VAL A 116 -5.67 8.94 4.61
N GLY A 117 -4.71 9.62 5.23
CA GLY A 117 -4.65 11.07 5.12
C GLY A 117 -4.62 11.50 3.66
N THR A 118 -3.88 10.79 2.84
CA THR A 118 -3.82 11.13 1.43
C THR A 118 -5.22 11.00 0.87
N VAL A 119 -6.01 10.09 1.45
CA VAL A 119 -7.39 9.89 1.02
C VAL A 119 -8.21 11.10 1.47
N ARG A 120 -8.10 11.47 2.74
CA ARG A 120 -8.81 12.66 3.21
C ARG A 120 -8.46 13.89 2.35
N MET A 121 -7.18 14.12 2.06
CA MET A 121 -6.79 15.25 1.22
C MET A 121 -7.48 15.15 -0.12
N LEU A 122 -7.47 13.98 -0.73
CA LEU A 122 -8.12 13.78 -2.03
C LEU A 122 -9.64 13.97 -1.95
N GLN A 123 -10.28 13.21 -1.08
CA GLN A 123 -11.71 13.28 -0.89
C GLN A 123 -12.24 14.70 -0.75
N ALA A 124 -11.50 15.57 -0.07
CA ALA A 124 -11.97 16.94 0.14
C ALA A 124 -11.73 17.91 -0.99
N PHE A 125 -10.73 17.63 -1.82
CA PHE A 125 -10.39 18.57 -2.90
C PHE A 125 -10.72 18.15 -4.32
N LEU A 126 -10.51 16.88 -4.62
CA LEU A 126 -10.79 16.31 -5.94
C LEU A 126 -12.18 16.61 -6.44
N PRO A 127 -13.22 16.48 -5.58
CA PRO A 127 -14.60 16.75 -5.99
C PRO A 127 -14.68 18.06 -6.73
N ASP A 128 -14.26 19.10 -6.02
CA ASP A 128 -14.25 20.44 -6.54
C ASP A 128 -13.29 20.60 -7.75
N MET A 129 -12.19 19.85 -7.78
CA MET A 129 -11.28 19.94 -8.92
C MET A 129 -11.95 19.28 -10.15
N LYS A 130 -12.92 18.39 -9.89
CA LYS A 130 -13.62 17.65 -10.94
C LYS A 130 -14.73 18.41 -11.67
N ARG A 131 -15.62 19.08 -10.93
CA ARG A 131 -16.71 19.82 -11.56
C ARG A 131 -16.10 20.94 -12.36
N ARG A 132 -14.99 21.44 -11.84
CA ARG A 132 -14.26 22.51 -12.51
C ARG A 132 -13.62 21.96 -13.78
N GLY A 133 -13.03 20.77 -13.70
CA GLY A 133 -12.44 20.18 -14.88
C GLY A 133 -10.99 20.52 -15.11
N SER A 134 -10.40 21.19 -14.14
CA SER A 134 -8.99 21.57 -14.21
C SER A 134 -8.46 21.43 -12.78
N GLY A 135 -7.21 21.03 -12.67
CA GLY A 135 -6.62 20.86 -11.35
C GLY A 135 -5.36 20.03 -11.46
N ARG A 136 -4.53 20.16 -10.45
CA ARG A 136 -3.27 19.42 -10.41
C ARG A 136 -3.07 18.99 -8.97
N VAL A 137 -2.57 17.79 -8.81
CA VAL A 137 -2.31 17.24 -7.50
C VAL A 137 -0.90 16.65 -7.59
N LEU A 138 -0.15 16.75 -6.52
CA LEU A 138 1.18 16.17 -6.51
C LEU A 138 1.35 15.39 -5.22
N VAL A 139 1.92 14.20 -5.31
CA VAL A 139 2.13 13.36 -4.13
C VAL A 139 3.62 13.08 -4.03
N THR A 140 4.19 13.28 -2.85
CA THR A 140 5.61 13.03 -2.66
C THR A 140 5.89 11.55 -2.81
N GLY A 141 6.44 11.14 -3.94
CA GLY A 141 6.74 9.73 -4.15
C GLY A 141 7.90 9.19 -3.30
N SER A 142 8.37 7.98 -3.62
CA SER A 142 9.48 7.37 -2.89
C SER A 142 9.94 6.08 -3.54
N VAL A 143 11.19 5.70 -3.29
CA VAL A 143 11.78 4.47 -3.85
C VAL A 143 11.03 3.33 -3.25
N GLY A 144 10.78 3.43 -1.94
CA GLY A 144 10.07 2.41 -1.20
C GLY A 144 8.64 2.16 -1.66
N GLY A 145 8.20 2.89 -2.68
CA GLY A 145 6.86 2.68 -3.22
C GLY A 145 6.97 1.95 -4.56
N LEU A 146 8.20 1.85 -5.08
CA LEU A 146 8.49 1.21 -6.36
C LEU A 146 9.28 -0.09 -6.18
N MET A 147 9.96 -0.22 -5.04
CA MET A 147 10.75 -1.41 -4.71
C MET A 147 10.76 -1.67 -3.22
N GLY A 148 11.17 -2.86 -2.83
CA GLY A 148 11.19 -3.22 -1.42
C GLY A 148 12.56 -3.09 -0.74
N LEU A 149 12.57 -2.45 0.43
CA LEU A 149 13.81 -2.26 1.19
C LEU A 149 13.66 -2.86 2.59
N PRO A 150 14.69 -3.59 3.05
CA PRO A 150 14.76 -4.26 4.36
C PRO A 150 14.45 -3.33 5.50
N PHE A 151 13.83 -3.87 6.55
CA PHE A 151 13.47 -3.10 7.74
C PHE A 151 12.66 -1.86 7.46
N ASN A 152 12.06 -1.81 6.28
CA ASN A 152 11.20 -0.70 5.81
C ASN A 152 9.86 -1.27 5.33
N ASP A 153 9.42 -2.38 5.93
CA ASP A 153 8.16 -3.04 5.56
C ASP A 153 6.97 -2.08 5.53
N VAL A 154 6.53 -1.66 6.72
CA VAL A 154 5.40 -0.74 6.88
C VAL A 154 5.54 0.61 6.17
N TYR A 155 6.75 1.13 6.01
CA TYR A 155 6.88 2.40 5.30
C TYR A 155 6.79 2.09 3.82
N CYS A 156 7.50 1.05 3.36
CA CYS A 156 7.45 0.65 1.95
C CYS A 156 6.05 0.22 1.60
N ALA A 157 5.30 -0.16 2.65
CA ALA A 157 3.91 -0.56 2.52
C ALA A 157 3.08 0.69 2.29
N SER A 158 3.29 1.70 3.13
CA SER A 158 2.56 2.97 3.04
C SER A 158 2.83 3.67 1.74
N LYS A 159 4.05 3.52 1.24
CA LYS A 159 4.44 4.14 -0.02
C LYS A 159 4.04 3.34 -1.24
N PHE A 160 3.87 2.03 -1.07
CA PHE A 160 3.45 1.18 -2.18
C PHE A 160 1.95 1.48 -2.34
N ALA A 161 1.25 1.71 -1.21
CA ALA A 161 -0.18 2.04 -1.21
C ALA A 161 -0.43 3.29 -2.08
N LEU A 162 0.33 4.35 -1.80
CA LEU A 162 0.20 5.58 -2.56
C LEU A 162 0.34 5.30 -4.05
N GLU A 163 1.19 4.32 -4.42
CA GLU A 163 1.31 4.05 -5.85
C GLU A 163 -0.04 3.54 -6.30
N GLY A 164 -0.69 2.79 -5.42
CA GLY A 164 -2.00 2.26 -5.74
C GLY A 164 -3.12 3.29 -5.77
N LEU A 165 -3.20 4.08 -4.71
CA LEU A 165 -4.24 5.10 -4.63
C LEU A 165 -4.18 6.07 -5.79
N CYS A 166 -2.98 6.40 -6.21
CA CYS A 166 -2.80 7.34 -7.28
C CYS A 166 -3.07 6.80 -8.68
N GLU A 167 -2.50 5.66 -8.98
CA GLU A 167 -2.62 5.07 -10.30
C GLU A 167 -4.05 4.73 -10.67
N SER A 168 -4.81 4.23 -9.71
CA SER A 168 -6.21 3.89 -9.98
C SER A 168 -7.02 5.17 -10.24
N LEU A 169 -6.75 6.20 -9.46
CA LEU A 169 -7.42 7.47 -9.60
C LEU A 169 -7.06 8.14 -10.94
N ALA A 170 -5.78 8.01 -11.31
CA ALA A 170 -5.23 8.60 -12.52
C ALA A 170 -6.05 8.17 -13.71
N VAL A 171 -6.50 6.91 -13.69
CA VAL A 171 -7.31 6.31 -14.75
C VAL A 171 -8.65 7.05 -14.91
N LEU A 172 -9.46 6.99 -13.87
CA LEU A 172 -10.74 7.67 -13.86
C LEU A 172 -10.65 9.16 -14.22
N LEU A 173 -9.60 9.83 -13.76
CA LEU A 173 -9.50 11.26 -14.01
C LEU A 173 -9.09 11.70 -15.41
N LEU A 174 -8.72 10.76 -16.29
CA LEU A 174 -8.32 11.15 -17.64
C LEU A 174 -9.23 12.17 -18.36
N PRO A 175 -10.51 11.85 -18.53
CA PRO A 175 -11.34 12.84 -19.21
C PRO A 175 -11.68 14.01 -18.28
N PHE A 176 -11.43 13.85 -16.99
CA PHE A 176 -11.77 14.89 -16.05
C PHE A 176 -10.84 16.07 -16.11
N GLY A 177 -9.75 15.95 -16.84
CA GLY A 177 -8.84 17.08 -16.90
C GLY A 177 -8.12 17.44 -15.59
N VAL A 178 -8.29 16.63 -14.55
CA VAL A 178 -7.60 16.86 -13.29
C VAL A 178 -6.29 16.09 -13.46
N HIS A 179 -5.21 16.50 -12.78
CA HIS A 179 -3.91 15.85 -12.96
C HIS A 179 -3.17 15.27 -11.76
N LEU A 180 -2.83 13.99 -11.86
CA LEU A 180 -2.16 13.29 -10.79
C LEU A 180 -0.72 12.90 -11.10
N SER A 181 0.20 13.35 -10.25
CA SER A 181 1.63 13.09 -10.40
C SER A 181 2.32 12.73 -9.10
N LEU A 182 3.05 11.62 -9.11
CA LEU A 182 3.78 11.13 -7.96
C LEU A 182 5.26 11.51 -8.10
N ILE A 183 5.72 12.45 -7.29
CA ILE A 183 7.11 12.89 -7.35
C ILE A 183 7.98 11.84 -6.63
N GLU A 184 8.46 10.87 -7.39
CA GLU A 184 9.27 9.79 -6.81
C GLU A 184 10.64 10.23 -6.29
N CYS A 185 10.74 10.39 -4.97
CA CYS A 185 12.00 10.81 -4.35
C CYS A 185 12.95 9.67 -4.02
N GLY A 186 14.11 10.06 -3.54
CA GLY A 186 15.14 9.14 -3.12
C GLY A 186 15.61 9.70 -1.79
N PRO A 187 16.84 9.43 -1.36
CA PRO A 187 17.26 10.00 -0.08
C PRO A 187 17.28 11.50 -0.25
N VAL A 188 17.02 12.24 0.83
CA VAL A 188 17.02 13.69 0.83
C VAL A 188 17.12 14.28 2.25
N HIS A 189 17.95 15.31 2.38
CA HIS A 189 18.20 15.97 3.66
C HIS A 189 16.96 16.61 4.27
N THR A 190 16.21 15.84 5.04
CA THR A 190 15.01 16.38 5.66
C THR A 190 14.89 15.95 7.11
N ALA A 191 13.92 16.53 7.80
CA ALA A 191 13.69 16.19 9.18
C ALA A 191 13.24 14.74 9.24
N PHE A 192 12.90 14.17 8.08
CA PHE A 192 12.43 12.81 8.00
C PHE A 192 13.34 11.74 8.62
N MET A 193 14.56 11.62 8.13
CA MET A 193 15.48 10.62 8.66
C MET A 193 16.22 11.02 9.93
N GLU A 194 16.42 12.31 10.13
CA GLU A 194 17.16 12.82 11.29
C GLU A 194 16.66 12.46 12.69
N LYS A 195 15.58 11.67 12.78
CA LYS A 195 15.06 11.26 14.08
C LYS A 195 14.38 9.90 14.04
N VAL A 196 13.61 9.64 12.98
CA VAL A 196 12.88 8.39 12.82
C VAL A 196 13.74 7.13 13.05
N LEU A 197 15.05 7.27 12.88
CA LEU A 197 15.98 6.17 13.10
C LEU A 197 15.93 5.71 14.55
N GLY A 198 15.30 6.52 15.40
CA GLY A 198 15.14 6.22 16.82
C GLY A 198 16.42 5.91 17.58
N SER A 199 16.52 4.66 18.02
CA SER A 199 17.67 4.19 18.75
C SER A 199 17.79 2.70 18.49
N PRO A 200 18.60 2.32 17.49
CA PRO A 200 18.89 0.97 17.02
C PRO A 200 19.26 -0.05 18.11
N GLU A 201 19.60 0.46 19.28
CA GLU A 201 20.02 -0.34 20.43
C GLU A 201 18.90 -1.20 21.05
N GLU A 202 17.72 -0.62 21.20
CA GLU A 202 16.56 -1.27 21.82
C GLU A 202 16.02 -2.48 21.06
N VAL A 203 16.22 -2.48 19.74
CA VAL A 203 15.73 -3.55 18.87
C VAL A 203 16.02 -4.99 19.32
N LEU A 204 17.24 -5.23 19.78
CA LEU A 204 17.68 -6.55 20.24
C LEU A 204 16.74 -7.16 21.27
N ASP A 205 15.99 -6.31 21.95
CA ASP A 205 15.08 -6.78 22.99
C ASP A 205 13.75 -7.27 22.47
N ARG A 206 13.53 -7.12 21.17
CA ARG A 206 12.30 -7.53 20.49
C ARG A 206 12.63 -8.25 19.18
N THR A 207 13.73 -8.99 19.16
CA THR A 207 14.17 -9.74 17.97
C THR A 207 15.27 -10.73 18.33
N ASP A 208 15.67 -11.53 17.36
CA ASP A 208 16.70 -12.53 17.54
C ASP A 208 18.02 -11.87 17.16
N ILE A 209 19.10 -12.46 17.66
CA ILE A 209 20.46 -11.95 17.42
C ILE A 209 20.86 -11.86 15.94
N HIS A 210 20.31 -12.74 15.12
CA HIS A 210 20.65 -12.76 13.70
C HIS A 210 20.02 -11.62 12.93
N THR A 211 18.86 -11.13 13.35
CA THR A 211 18.22 -10.01 12.66
C THR A 211 18.88 -8.71 13.10
N PHE A 212 19.06 -8.55 14.42
CA PHE A 212 19.68 -7.37 15.03
C PHE A 212 21.03 -7.08 14.37
N HIS A 213 21.85 -8.10 14.22
CA HIS A 213 23.13 -7.89 13.55
C HIS A 213 22.82 -7.30 12.17
N ARG A 214 21.87 -7.93 11.47
CA ARG A 214 21.44 -7.50 10.16
C ARG A 214 20.79 -6.12 10.15
N PHE A 215 20.20 -5.72 11.28
CA PHE A 215 19.56 -4.40 11.36
C PHE A 215 20.65 -3.33 11.39
N TYR A 216 21.70 -3.54 12.19
CA TYR A 216 22.76 -2.56 12.20
C TYR A 216 23.44 -2.62 10.84
N GLN A 217 23.69 -3.84 10.39
CA GLN A 217 24.32 -4.06 9.10
C GLN A 217 23.63 -3.26 7.97
N TYR A 218 22.31 -3.13 8.06
CA TYR A 218 21.52 -2.37 7.08
C TYR A 218 21.77 -0.89 7.37
N LEU A 219 21.61 -0.50 8.64
CA LEU A 219 21.82 0.88 9.07
C LEU A 219 23.13 1.45 8.53
N ALA A 220 24.20 0.70 8.69
CA ALA A 220 25.53 1.08 8.25
C ALA A 220 25.56 1.28 6.73
N HIS A 221 24.76 0.51 6.00
CA HIS A 221 24.69 0.63 4.55
C HIS A 221 23.84 1.85 4.21
N SER A 222 22.77 2.00 4.98
CA SER A 222 21.82 3.09 4.82
C SER A 222 22.58 4.40 4.95
N LYS A 223 23.22 4.57 6.10
CA LYS A 223 23.96 5.78 6.40
C LYS A 223 25.03 6.11 5.36
N GLN A 224 25.58 5.10 4.71
CA GLN A 224 26.61 5.32 3.69
C GLN A 224 25.97 5.74 2.37
N VAL A 225 24.84 5.11 2.05
CA VAL A 225 24.07 5.37 0.83
C VAL A 225 23.40 6.77 0.93
N PHE A 226 23.08 7.19 2.14
CA PHE A 226 22.48 8.49 2.34
C PHE A 226 23.51 9.56 2.09
N ARG A 227 24.67 9.44 2.74
CA ARG A 227 25.73 10.43 2.54
C ARG A 227 26.49 10.10 1.29
N GLU A 228 25.73 10.00 0.20
CA GLU A 228 26.25 9.73 -1.13
C GLU A 228 25.27 10.26 -2.16
N ALA A 229 23.98 10.25 -1.84
CA ALA A 229 23.01 10.73 -2.80
C ALA A 229 21.83 11.44 -2.16
N ALA A 230 21.93 11.76 -0.88
CA ALA A 230 20.85 12.46 -0.24
C ALA A 230 20.78 13.82 -0.92
N GLN A 231 19.72 14.03 -1.69
CA GLN A 231 19.52 15.29 -2.39
C GLN A 231 19.01 16.37 -1.48
N ASN A 232 19.31 17.57 -1.88
CA ASN A 232 18.93 18.80 -1.20
C ASN A 232 17.43 19.00 -1.43
N PRO A 233 16.66 19.28 -0.36
CA PRO A 233 15.20 19.49 -0.48
C PRO A 233 14.85 20.54 -1.55
N GLU A 234 15.79 21.44 -1.83
CA GLU A 234 15.59 22.45 -2.84
C GLU A 234 15.63 21.79 -4.20
N GLU A 235 16.61 20.91 -4.40
CA GLU A 235 16.73 20.22 -5.68
C GLU A 235 15.42 19.46 -5.91
N VAL A 236 14.91 18.86 -4.84
CA VAL A 236 13.69 18.11 -4.92
C VAL A 236 12.49 18.98 -5.29
N ALA A 237 12.38 20.17 -4.69
CA ALA A 237 11.25 21.06 -5.01
C ALA A 237 11.25 21.38 -6.48
N GLU A 238 12.43 21.42 -7.07
CA GLU A 238 12.58 21.72 -8.47
C GLU A 238 11.71 20.79 -9.30
N VAL A 239 11.69 19.52 -8.96
CA VAL A 239 10.89 18.54 -9.69
C VAL A 239 9.40 18.88 -9.57
N PHE A 240 8.98 19.30 -8.38
CA PHE A 240 7.60 19.66 -8.13
C PHE A 240 7.20 20.78 -9.09
N LEU A 241 8.11 21.70 -9.34
CA LEU A 241 7.87 22.80 -10.28
C LEU A 241 7.73 22.29 -11.73
N THR A 242 8.70 21.49 -12.18
CA THR A 242 8.66 20.98 -13.54
C THR A 242 7.38 20.21 -13.82
N ALA A 243 6.89 19.45 -12.85
CA ALA A 243 5.65 18.73 -13.04
C ALA A 243 4.58 19.79 -13.23
N LEU A 244 4.50 20.73 -12.29
CA LEU A 244 3.53 21.84 -12.30
C LEU A 244 3.39 22.57 -13.63
N ARG A 245 4.52 22.77 -14.30
CA ARG A 245 4.51 23.46 -15.56
C ARG A 245 4.12 22.58 -16.72
N ALA A 246 4.39 21.29 -16.62
CA ALA A 246 4.05 20.35 -17.68
C ALA A 246 2.55 20.46 -18.01
N PRO A 247 2.23 20.73 -19.28
CA PRO A 247 0.85 20.90 -19.78
C PRO A 247 0.03 19.62 -19.58
N LYS A 248 0.70 18.50 -19.71
CA LYS A 248 0.11 17.19 -19.57
C LYS A 248 1.11 16.38 -18.76
N PRO A 249 1.03 16.50 -17.42
CA PRO A 249 1.91 15.80 -16.47
C PRO A 249 1.79 14.29 -16.63
N THR A 250 2.84 13.55 -16.28
CA THR A 250 2.82 12.09 -16.36
C THR A 250 2.44 11.54 -15.00
N LEU A 251 2.24 10.22 -14.89
CA LEU A 251 1.86 9.67 -13.60
C LEU A 251 2.99 9.84 -12.57
N ARG A 252 4.23 9.90 -13.02
CA ARG A 252 5.30 10.08 -12.08
C ARG A 252 6.55 10.70 -12.67
N TYR A 253 7.22 11.42 -11.77
CA TYR A 253 8.48 12.11 -12.02
C TYR A 253 9.47 11.49 -11.06
N PHE A 254 10.75 11.47 -11.43
CA PHE A 254 11.76 10.90 -10.57
C PHE A 254 12.83 11.95 -10.24
N THR A 255 13.07 12.17 -8.96
CA THR A 255 14.05 13.16 -8.56
C THR A 255 15.50 12.69 -8.69
N THR A 256 15.73 11.39 -8.53
CA THR A 256 17.08 10.87 -8.65
C THR A 256 17.07 9.83 -9.73
N GLU A 257 18.17 9.69 -10.45
CA GLU A 257 18.25 8.66 -11.48
C GLU A 257 19.06 7.43 -11.03
N ARG A 258 19.45 7.41 -9.75
CA ARG A 258 20.23 6.30 -9.20
C ARG A 258 19.44 5.02 -8.95
N PHE A 259 18.17 5.12 -8.56
CA PHE A 259 17.41 3.91 -8.31
C PHE A 259 16.73 3.31 -9.55
N LEU A 260 16.92 3.98 -10.69
CA LEU A 260 16.32 3.52 -11.93
C LEU A 260 16.86 2.21 -12.54
N PRO A 261 18.05 1.72 -12.10
CA PRO A 261 18.54 0.47 -12.67
C PRO A 261 17.87 -0.69 -11.93
N LEU A 262 17.84 -0.57 -10.60
CA LEU A 262 17.24 -1.57 -9.69
C LEU A 262 15.80 -1.80 -10.13
N LEU A 263 15.13 -0.72 -10.49
CA LEU A 263 13.75 -0.77 -10.94
C LEU A 263 13.66 -1.51 -12.29
N ARG A 264 14.44 -1.04 -13.28
CA ARG A 264 14.45 -1.63 -14.61
C ARG A 264 14.60 -3.15 -14.54
N MET A 265 15.69 -3.59 -13.94
CA MET A 265 15.95 -5.01 -13.82
C MET A 265 14.80 -5.71 -13.09
N ARG A 266 14.33 -5.05 -12.04
CA ARG A 266 13.26 -5.58 -11.23
C ARG A 266 12.01 -5.86 -12.07
N LEU A 267 11.72 -5.00 -13.03
CA LEU A 267 10.54 -5.18 -13.87
C LEU A 267 10.71 -6.32 -14.86
N ASP A 268 11.95 -6.66 -15.16
CA ASP A 268 12.26 -7.75 -16.09
C ASP A 268 12.09 -9.11 -15.40
N ASP A 269 11.71 -9.07 -14.12
CA ASP A 269 11.53 -10.29 -13.32
C ASP A 269 10.19 -10.33 -12.58
N PRO A 270 9.16 -10.93 -13.21
CA PRO A 270 7.81 -11.04 -12.64
C PRO A 270 7.71 -11.79 -11.30
N SER A 271 8.48 -12.85 -11.14
CA SER A 271 8.47 -13.65 -9.91
C SER A 271 9.05 -12.87 -8.74
N GLY A 272 9.81 -11.83 -9.06
CA GLY A 272 10.40 -11.02 -8.02
C GLY A 272 11.51 -11.69 -7.23
N SER A 273 12.12 -12.74 -7.78
CA SER A 273 13.17 -13.39 -7.03
C SER A 273 14.55 -12.93 -7.40
N ASN A 274 14.73 -12.49 -8.64
CA ASN A 274 16.04 -11.96 -9.05
C ASN A 274 16.27 -10.64 -8.31
N TYR A 275 15.21 -9.84 -8.20
CA TYR A 275 15.25 -8.59 -7.45
C TYR A 275 15.64 -8.84 -5.98
N VAL A 276 14.84 -9.63 -5.30
CA VAL A 276 15.10 -9.96 -3.90
C VAL A 276 16.58 -10.32 -3.70
N THR A 277 17.12 -11.08 -4.63
CA THR A 277 18.52 -11.48 -4.53
C THR A 277 19.40 -10.26 -4.58
N ALA A 278 19.32 -9.51 -5.67
CA ALA A 278 20.12 -8.29 -5.85
C ALA A 278 20.01 -7.36 -4.66
N MET A 279 18.78 -6.92 -4.37
CA MET A 279 18.55 -6.01 -3.27
C MET A 279 19.20 -6.49 -1.97
N HIS A 280 19.11 -7.79 -1.71
CA HIS A 280 19.70 -8.35 -0.50
C HIS A 280 21.22 -8.30 -0.55
N ARG A 281 21.78 -8.83 -1.64
CA ARG A 281 23.21 -8.84 -1.83
C ARG A 281 23.59 -7.44 -2.32
N GLU A 282 22.97 -6.42 -1.72
CA GLU A 282 23.24 -5.02 -2.05
C GLU A 282 23.17 -4.28 -0.72
N VAL A 283 22.14 -4.55 0.05
CA VAL A 283 22.02 -3.92 1.36
C VAL A 283 23.16 -4.50 2.20
N PHE A 284 23.22 -5.83 2.27
CA PHE A 284 24.25 -6.54 3.03
C PHE A 284 25.30 -7.09 2.04
N ALA B 1 2.58 -35.32 14.68
CA ALA B 1 2.94 -33.96 14.17
C ALA B 1 3.37 -34.08 12.71
N ARG B 2 3.04 -33.08 11.90
CA ARG B 2 3.36 -33.08 10.49
C ARG B 2 3.19 -31.66 9.99
N THR B 3 3.05 -31.48 8.67
CA THR B 3 2.89 -30.14 8.14
C THR B 3 1.65 -29.47 8.70
N VAL B 4 1.89 -28.53 9.58
CA VAL B 4 0.84 -27.77 10.23
C VAL B 4 0.58 -26.54 9.37
N VAL B 5 -0.69 -26.21 9.15
CA VAL B 5 -1.02 -25.03 8.36
C VAL B 5 -2.02 -24.18 9.10
N LEU B 6 -1.77 -22.88 9.17
CA LEU B 6 -2.71 -21.98 9.83
C LEU B 6 -3.12 -21.00 8.76
N ILE B 7 -4.37 -21.14 8.34
CA ILE B 7 -4.99 -20.34 7.30
C ILE B 7 -5.98 -19.36 7.94
N THR B 8 -5.88 -18.10 7.50
CA THR B 8 -6.72 -17.05 8.04
C THR B 8 -7.85 -16.75 7.10
N GLY B 9 -9.02 -16.42 7.70
CA GLY B 9 -10.23 -16.09 6.96
C GLY B 9 -10.80 -17.20 6.08
N CYS B 10 -10.78 -18.43 6.58
CA CYS B 10 -11.26 -19.58 5.82
C CYS B 10 -12.75 -19.70 5.74
N SER B 11 -13.46 -18.74 6.30
CA SER B 11 -14.91 -18.73 6.29
C SER B 11 -15.48 -18.97 4.88
N SER B 12 -14.80 -18.51 3.84
CA SER B 12 -15.31 -18.69 2.49
C SER B 12 -14.37 -18.41 1.33
N GLY B 13 -14.78 -18.88 0.16
CA GLY B 13 -13.98 -18.67 -1.02
C GLY B 13 -12.62 -19.33 -0.90
N ILE B 14 -11.60 -18.68 -1.46
CA ILE B 14 -10.22 -19.17 -1.46
C ILE B 14 -9.81 -19.77 -0.11
N GLY B 15 -10.11 -19.05 0.97
CA GLY B 15 -9.75 -19.51 2.30
C GLY B 15 -10.31 -20.86 2.71
N LEU B 16 -11.53 -21.13 2.26
CA LEU B 16 -12.24 -22.37 2.58
C LEU B 16 -11.85 -23.51 1.68
N HIS B 17 -11.48 -23.21 0.46
CA HIS B 17 -11.11 -24.26 -0.45
C HIS B 17 -9.72 -24.79 -0.23
N LEU B 18 -8.80 -23.91 0.14
CA LEU B 18 -7.43 -24.30 0.39
C LEU B 18 -7.37 -25.09 1.69
N ALA B 19 -8.17 -24.65 2.66
CA ALA B 19 -8.26 -25.28 3.98
C ALA B 19 -8.61 -26.73 3.85
N VAL B 20 -9.75 -26.99 3.19
CA VAL B 20 -10.25 -28.35 2.97
C VAL B 20 -9.48 -29.18 1.94
N ARG B 21 -8.88 -28.53 0.98
CA ARG B 21 -8.10 -29.23 -0.02
C ARG B 21 -6.85 -29.76 0.69
N LEU B 22 -6.38 -29.04 1.69
CA LEU B 22 -5.18 -29.43 2.41
C LEU B 22 -5.51 -30.53 3.40
N ALA B 23 -6.50 -30.27 4.24
CA ALA B 23 -6.94 -31.22 5.24
C ALA B 23 -7.29 -32.56 4.57
N SER B 24 -8.20 -32.54 3.62
CA SER B 24 -8.61 -33.76 2.93
C SER B 24 -7.58 -34.18 1.87
N ASP B 25 -6.30 -33.92 2.12
CA ASP B 25 -5.29 -34.29 1.16
C ASP B 25 -5.00 -35.78 1.24
N PRO B 26 -4.72 -36.42 0.07
CA PRO B 26 -4.40 -37.84 -0.04
C PRO B 26 -3.33 -38.25 0.98
N SER B 27 -2.19 -37.58 0.93
CA SER B 27 -1.12 -37.88 1.84
C SER B 27 -1.47 -37.61 3.29
N GLN B 28 -2.70 -37.16 3.57
CA GLN B 28 -3.12 -36.86 4.95
C GLN B 28 -2.02 -36.12 5.76
N SER B 29 -1.08 -35.47 5.08
CA SER B 29 0.02 -34.79 5.74
C SER B 29 -0.32 -33.45 6.42
N PHE B 30 -1.16 -32.64 5.81
CA PHE B 30 -1.42 -31.37 6.43
C PHE B 30 -2.40 -31.35 7.58
N LYS B 31 -2.03 -30.67 8.66
CA LYS B 31 -2.90 -30.48 9.81
C LYS B 31 -3.39 -29.05 9.68
N VAL B 32 -4.57 -28.87 9.12
CA VAL B 32 -5.09 -27.52 8.95
C VAL B 32 -5.77 -26.87 10.17
N TYR B 33 -5.58 -25.56 10.29
CA TYR B 33 -6.15 -24.75 11.35
C TYR B 33 -6.89 -23.63 10.67
N ALA B 34 -8.12 -23.90 10.25
CA ALA B 34 -8.97 -22.91 9.57
C ALA B 34 -9.44 -21.86 10.58
N THR B 35 -9.08 -20.60 10.36
CA THR B 35 -9.46 -19.54 11.28
C THR B 35 -10.57 -18.61 10.79
N LEU B 36 -11.47 -18.24 11.67
CA LEU B 36 -12.58 -17.40 11.28
C LEU B 36 -12.75 -16.14 12.13
N ARG B 37 -13.21 -15.08 11.47
CA ARG B 37 -13.47 -13.80 12.10
C ARG B 37 -14.50 -14.02 13.22
N ASP B 38 -15.53 -14.79 12.88
CA ASP B 38 -16.59 -15.15 13.80
C ASP B 38 -16.93 -16.60 13.50
N LEU B 39 -16.66 -17.48 14.46
CA LEU B 39 -16.91 -18.91 14.33
C LEU B 39 -18.26 -19.38 13.77
N LYS B 40 -19.35 -18.66 14.03
CA LYS B 40 -20.66 -19.08 13.55
C LYS B 40 -20.62 -19.53 12.10
N THR B 41 -20.05 -18.70 11.25
CA THR B 41 -19.99 -18.96 9.81
C THR B 41 -19.22 -20.19 9.32
N GLN B 42 -18.75 -21.03 10.24
CA GLN B 42 -18.01 -22.20 9.84
C GLN B 42 -18.88 -23.29 9.27
N GLY B 43 -20.20 -23.05 9.28
CA GLY B 43 -21.14 -24.02 8.75
C GLY B 43 -20.74 -24.52 7.38
N ARG B 44 -20.70 -23.60 6.44
CA ARG B 44 -20.33 -23.90 5.06
C ARG B 44 -18.93 -24.46 4.90
N LEU B 45 -18.07 -24.21 5.89
CA LEU B 45 -16.69 -24.72 5.89
C LEU B 45 -16.78 -26.21 6.15
N TRP B 46 -17.44 -26.56 7.25
CA TRP B 46 -17.59 -27.96 7.60
C TRP B 46 -18.31 -28.76 6.51
N GLU B 47 -19.29 -28.14 5.86
CA GLU B 47 -20.04 -28.77 4.78
C GLU B 47 -19.03 -29.28 3.77
N ALA B 48 -18.15 -28.39 3.30
CA ALA B 48 -17.12 -28.77 2.34
C ALA B 48 -16.15 -29.79 2.93
N ALA B 49 -15.84 -29.64 4.22
CA ALA B 49 -14.96 -30.58 4.91
C ALA B 49 -15.60 -31.96 4.78
N ARG B 50 -16.80 -32.10 5.34
CA ARG B 50 -17.59 -33.32 5.29
C ARG B 50 -17.53 -33.82 3.86
N ALA B 51 -18.05 -33.02 2.95
CA ALA B 51 -18.06 -33.38 1.53
C ALA B 51 -16.73 -33.98 1.07
N LEU B 52 -15.63 -33.34 1.43
CA LEU B 52 -14.29 -33.79 1.03
C LEU B 52 -13.79 -34.98 1.85
N ALA B 53 -14.55 -35.34 2.87
CA ALA B 53 -14.19 -36.46 3.72
C ALA B 53 -12.85 -36.22 4.44
N CYS B 54 -12.64 -35.00 4.91
CA CYS B 54 -11.40 -34.68 5.63
C CYS B 54 -11.41 -35.51 6.91
N PRO B 55 -10.50 -36.49 7.02
CA PRO B 55 -10.42 -37.34 8.21
C PRO B 55 -10.55 -36.57 9.51
N PRO B 56 -10.81 -37.30 10.61
CA PRO B 56 -10.94 -36.59 11.90
C PRO B 56 -9.58 -36.09 12.38
N GLY B 57 -9.55 -34.83 12.82
CA GLY B 57 -8.32 -34.24 13.34
C GLY B 57 -7.34 -33.54 12.40
N SER B 58 -7.58 -33.59 11.08
CA SER B 58 -6.68 -32.94 10.14
C SER B 58 -7.10 -31.51 9.86
N LEU B 59 -8.05 -31.00 10.65
CA LEU B 59 -8.57 -29.67 10.42
C LEU B 59 -9.43 -29.21 11.60
N GLU B 60 -8.92 -28.27 12.37
CA GLU B 60 -9.68 -27.77 13.51
C GLU B 60 -9.79 -26.26 13.38
N THR B 61 -10.99 -25.74 13.53
CA THR B 61 -11.17 -24.30 13.39
C THR B 61 -10.93 -23.49 14.66
N LEU B 62 -10.28 -22.35 14.48
CA LEU B 62 -9.98 -21.41 15.57
C LEU B 62 -10.66 -20.13 15.10
N GLN B 63 -10.88 -19.19 16.02
CA GLN B 63 -11.46 -17.88 15.67
C GLN B 63 -10.35 -16.86 15.86
N LEU B 64 -10.26 -15.90 14.95
CA LEU B 64 -9.24 -14.86 15.04
C LEU B 64 -9.54 -13.82 13.97
N ASP B 65 -9.63 -12.56 14.38
CA ASP B 65 -9.88 -11.49 13.42
C ASP B 65 -8.64 -10.61 13.40
N VAL B 66 -7.95 -10.61 12.27
CA VAL B 66 -6.71 -9.84 12.14
C VAL B 66 -6.75 -8.37 12.55
N ARG B 67 -7.90 -7.89 12.99
CA ARG B 67 -8.00 -6.51 13.42
C ARG B 67 -8.03 -6.45 14.94
N ASP B 68 -7.47 -7.46 15.59
CA ASP B 68 -7.41 -7.51 17.05
C ASP B 68 -6.26 -8.42 17.46
N SER B 69 -5.11 -7.82 17.75
CA SER B 69 -3.90 -8.56 18.12
C SER B 69 -4.11 -9.48 19.28
N LYS B 70 -5.11 -9.20 20.11
CA LYS B 70 -5.40 -10.05 21.25
C LYS B 70 -5.92 -11.37 20.73
N SER B 71 -6.71 -11.27 19.65
CA SER B 71 -7.29 -12.40 18.97
C SER B 71 -6.16 -13.23 18.38
N VAL B 72 -5.42 -12.65 17.44
CA VAL B 72 -4.30 -13.34 16.78
C VAL B 72 -3.45 -14.11 17.80
N ALA B 73 -3.06 -13.40 18.87
CA ALA B 73 -2.24 -13.93 19.94
C ALA B 73 -2.78 -15.24 20.46
N ALA B 74 -4.09 -15.27 20.71
CA ALA B 74 -4.78 -16.44 21.21
C ALA B 74 -4.73 -17.59 20.20
N ALA B 75 -5.12 -17.28 18.97
CA ALA B 75 -5.12 -18.27 17.90
C ALA B 75 -3.78 -19.03 17.76
N ARG B 76 -2.66 -18.38 18.08
CA ARG B 76 -1.38 -19.07 17.97
C ARG B 76 -1.11 -19.95 19.17
N GLU B 77 -1.55 -19.51 20.33
CA GLU B 77 -1.32 -20.30 21.52
C GLU B 77 -2.30 -21.46 21.57
N ARG B 78 -3.08 -21.61 20.51
CA ARG B 78 -4.04 -22.68 20.39
C ARG B 78 -3.54 -23.74 19.40
N VAL B 79 -2.39 -23.51 18.77
CA VAL B 79 -1.80 -24.44 17.80
C VAL B 79 -0.99 -25.51 18.55
N THR B 80 -1.70 -26.41 19.24
CA THR B 80 -1.06 -27.45 20.05
C THR B 80 0.30 -28.01 19.62
N GLU B 81 0.53 -28.19 18.32
CA GLU B 81 1.83 -28.73 17.85
C GLU B 81 3.05 -27.85 18.19
N GLY B 82 2.80 -26.66 18.72
CA GLY B 82 3.91 -25.80 19.05
C GLY B 82 4.54 -25.14 17.83
N ARG B 83 4.09 -25.50 16.61
CA ARG B 83 4.65 -24.86 15.42
C ARG B 83 3.67 -24.66 14.25
N VAL B 84 4.02 -23.74 13.36
CA VAL B 84 3.23 -23.42 12.19
C VAL B 84 4.18 -23.41 11.00
N ASP B 85 4.31 -24.56 10.36
CA ASP B 85 5.19 -24.70 9.23
C ASP B 85 4.69 -23.97 8.00
N VAL B 86 3.36 -23.80 7.90
CA VAL B 86 2.79 -23.04 6.79
C VAL B 86 1.77 -22.04 7.32
N LEU B 87 2.08 -20.75 7.16
CA LEU B 87 1.20 -19.67 7.60
C LEU B 87 0.64 -19.00 6.37
N VAL B 88 -0.69 -18.82 6.34
CA VAL B 88 -1.36 -18.20 5.19
C VAL B 88 -2.18 -17.02 5.64
N CYS B 89 -1.80 -15.84 5.16
CA CYS B 89 -2.50 -14.58 5.42
C CYS B 89 -3.40 -14.35 4.20
N ASN B 90 -4.67 -14.76 4.34
CA ASN B 90 -5.69 -14.67 3.29
C ASN B 90 -6.92 -13.77 3.50
N ALA B 91 -7.36 -13.57 4.73
CA ALA B 91 -8.52 -12.71 4.97
C ALA B 91 -8.30 -11.30 4.42
N GLY B 92 -9.38 -10.51 4.42
CA GLY B 92 -9.32 -9.15 3.94
C GLY B 92 -10.60 -8.88 3.21
N LEU B 93 -10.92 -7.60 2.99
CA LEU B 93 -12.16 -7.20 2.30
C LEU B 93 -11.87 -6.27 1.14
N GLY B 94 -12.86 -6.09 0.28
CA GLY B 94 -12.71 -5.21 -0.87
C GLY B 94 -13.35 -3.87 -0.59
N LEU B 95 -13.34 -3.01 -1.60
CA LEU B 95 -13.94 -1.69 -1.48
C LEU B 95 -13.96 -1.08 -2.87
N LEU B 96 -15.14 -0.69 -3.31
CA LEU B 96 -15.32 -0.13 -4.62
C LEU B 96 -16.21 1.09 -4.46
N GLY B 97 -16.07 2.04 -5.38
CA GLY B 97 -16.88 3.22 -5.31
C GLY B 97 -16.05 4.44 -5.60
N PRO B 98 -16.69 5.59 -5.90
CA PRO B 98 -15.95 6.83 -6.19
C PRO B 98 -15.24 7.15 -4.88
N LEU B 99 -13.95 7.48 -4.96
CA LEU B 99 -13.16 7.78 -3.76
C LEU B 99 -13.92 8.65 -2.77
N GLU B 100 -14.56 9.70 -3.28
CA GLU B 100 -15.31 10.63 -2.46
C GLU B 100 -16.60 10.00 -1.90
N ALA B 101 -17.09 8.98 -2.61
CA ALA B 101 -18.29 8.27 -2.23
C ALA B 101 -18.08 7.25 -1.11
N LEU B 102 -16.81 6.93 -0.82
CA LEU B 102 -16.48 5.97 0.25
C LEU B 102 -16.54 6.67 1.59
N GLY B 103 -16.57 5.91 2.68
CA GLY B 103 -16.61 6.53 4.00
C GLY B 103 -15.28 6.33 4.70
N GLU B 104 -15.00 7.08 5.76
CA GLU B 104 -13.73 6.89 6.46
C GLU B 104 -13.66 5.62 7.30
N ASP B 105 -14.78 5.29 7.94
CA ASP B 105 -14.87 4.07 8.74
C ASP B 105 -14.49 2.95 7.77
N ALA B 106 -15.04 3.02 6.56
CA ALA B 106 -14.80 2.03 5.50
C ALA B 106 -13.35 2.02 4.99
N VAL B 107 -12.87 3.15 4.47
CA VAL B 107 -11.51 3.22 3.95
C VAL B 107 -10.55 2.76 5.04
N ALA B 108 -10.92 2.98 6.28
CA ALA B 108 -10.06 2.57 7.36
C ALA B 108 -10.11 1.04 7.46
N SER B 109 -11.29 0.49 7.69
CA SER B 109 -11.45 -0.95 7.83
C SER B 109 -10.60 -1.77 6.85
N VAL B 110 -10.67 -1.44 5.58
CA VAL B 110 -9.90 -2.17 4.57
C VAL B 110 -8.40 -2.11 4.87
N LEU B 111 -7.90 -0.91 5.12
CA LEU B 111 -6.47 -0.73 5.40
C LEU B 111 -6.04 -1.43 6.66
N ASP B 112 -6.85 -1.30 7.71
CA ASP B 112 -6.59 -1.92 9.01
C ASP B 112 -6.65 -3.49 8.96
N VAL B 113 -7.50 -4.02 8.09
CA VAL B 113 -7.68 -5.45 7.98
C VAL B 113 -6.81 -6.16 6.93
N ASN B 114 -6.45 -5.48 5.85
CA ASN B 114 -5.64 -6.10 4.79
C ASN B 114 -4.10 -6.01 4.98
N VAL B 115 -3.67 -4.93 5.63
CA VAL B 115 -2.26 -4.68 5.86
C VAL B 115 -1.90 -4.92 7.31
N VAL B 116 -2.50 -4.14 8.20
CA VAL B 116 -2.16 -4.28 9.63
C VAL B 116 -2.36 -5.73 10.11
N GLY B 117 -3.55 -6.28 9.83
CA GLY B 117 -3.84 -7.66 10.19
C GLY B 117 -2.78 -8.60 9.64
N THR B 118 -2.29 -8.34 8.43
CA THR B 118 -1.26 -9.19 7.83
C THR B 118 0.02 -8.93 8.59
N VAL B 119 0.18 -7.71 9.09
CA VAL B 119 1.38 -7.42 9.85
C VAL B 119 1.27 -8.15 11.22
N ARG B 120 0.16 -7.96 11.92
CA ARG B 120 -0.01 -8.63 13.20
C ARG B 120 0.36 -10.13 13.10
N MET B 121 -0.20 -10.84 12.14
CA MET B 121 0.08 -12.27 11.92
C MET B 121 1.57 -12.52 11.82
N LEU B 122 2.20 -11.79 10.90
CA LEU B 122 3.64 -11.92 10.68
C LEU B 122 4.43 -11.70 11.96
N GLN B 123 4.07 -10.65 12.70
CA GLN B 123 4.73 -10.34 13.96
C GLN B 123 4.59 -11.45 15.00
N ALA B 124 3.59 -12.31 14.80
CA ALA B 124 3.30 -13.41 15.72
C ALA B 124 3.99 -14.70 15.35
N PHE B 125 3.79 -15.12 14.11
CA PHE B 125 4.36 -16.38 13.68
C PHE B 125 5.76 -16.31 13.11
N LEU B 126 6.06 -15.25 12.37
CA LEU B 126 7.38 -15.09 11.76
C LEU B 126 8.60 -15.35 12.69
N PRO B 127 8.57 -14.88 13.95
CA PRO B 127 9.69 -15.09 14.88
C PRO B 127 10.08 -16.57 15.06
N ASP B 128 9.20 -17.36 15.67
CA ASP B 128 9.47 -18.78 15.89
C ASP B 128 9.87 -19.37 14.55
N MET B 129 9.22 -18.96 13.48
CA MET B 129 9.56 -19.47 12.18
C MET B 129 11.05 -19.21 11.92
N LYS B 130 11.49 -17.99 12.21
CA LYS B 130 12.89 -17.60 12.02
C LYS B 130 13.83 -18.40 12.90
N ARG B 131 13.52 -18.50 14.20
CA ARG B 131 14.40 -19.26 15.10
C ARG B 131 14.45 -20.74 14.69
N ARG B 132 13.38 -21.24 14.07
CA ARG B 132 13.36 -22.62 13.60
C ARG B 132 14.29 -22.66 12.41
N GLY B 133 14.33 -21.55 11.67
CA GLY B 133 15.16 -21.47 10.49
C GLY B 133 14.47 -22.14 9.33
N SER B 134 13.17 -22.40 9.52
CA SER B 134 12.33 -23.06 8.53
C SER B 134 10.97 -22.43 8.61
N GLY B 135 10.36 -22.17 7.46
CA GLY B 135 9.04 -21.57 7.46
C GLY B 135 8.47 -21.46 6.07
N ARG B 136 7.17 -21.13 6.01
CA ARG B 136 6.45 -20.94 4.77
C ARG B 136 5.31 -19.98 5.06
N VAL B 137 5.23 -18.91 4.25
CA VAL B 137 4.20 -17.87 4.37
C VAL B 137 3.49 -17.62 3.04
N LEU B 138 2.18 -17.80 3.01
CA LEU B 138 1.43 -17.56 1.77
C LEU B 138 0.47 -16.42 2.03
N VAL B 139 0.47 -15.43 1.15
CA VAL B 139 -0.44 -14.28 1.27
C VAL B 139 -1.16 -14.20 -0.04
N THR B 140 -2.48 -14.05 0.01
CA THR B 140 -3.27 -13.96 -1.21
C THR B 140 -3.00 -12.66 -1.93
N GLY B 141 -2.42 -12.78 -3.12
CA GLY B 141 -2.09 -11.60 -3.89
C GLY B 141 -3.28 -10.94 -4.57
N SER B 142 -3.02 -10.29 -5.71
CA SER B 142 -4.03 -9.61 -6.49
C SER B 142 -3.45 -8.80 -7.64
N VAL B 143 -4.27 -8.61 -8.67
CA VAL B 143 -3.88 -7.84 -9.82
C VAL B 143 -3.94 -6.40 -9.40
N GLY B 144 -4.87 -6.06 -8.52
CA GLY B 144 -4.97 -4.69 -8.04
C GLY B 144 -3.73 -4.29 -7.26
N GLY B 145 -2.93 -5.30 -6.91
CA GLY B 145 -1.72 -5.09 -6.16
C GLY B 145 -0.61 -4.82 -7.15
N LEU B 146 -0.78 -5.32 -8.37
CA LEU B 146 0.18 -5.11 -9.42
C LEU B 146 -0.15 -3.90 -10.31
N MET B 147 -1.40 -3.45 -10.30
CA MET B 147 -1.82 -2.37 -11.16
C MET B 147 -3.06 -1.65 -10.62
N GLY B 148 -3.27 -0.41 -11.07
CA GLY B 148 -4.40 0.37 -10.59
C GLY B 148 -5.70 0.18 -11.35
N LEU B 149 -6.78 -0.05 -10.62
CA LEU B 149 -8.11 -0.26 -11.23
C LEU B 149 -9.10 0.85 -10.79
N PRO B 150 -9.77 1.50 -11.75
CA PRO B 150 -10.76 2.57 -11.49
C PRO B 150 -11.80 2.18 -10.48
N PHE B 151 -12.22 3.14 -9.67
CA PHE B 151 -13.20 2.95 -8.60
C PHE B 151 -12.77 1.86 -7.63
N ASN B 152 -11.49 1.47 -7.71
CA ASN B 152 -10.87 0.46 -6.83
C ASN B 152 -9.66 1.08 -6.12
N ASP B 153 -9.70 2.39 -5.94
CA ASP B 153 -8.61 3.18 -5.33
C ASP B 153 -8.11 2.68 -3.96
N VAL B 154 -8.99 2.58 -2.98
CA VAL B 154 -8.60 2.12 -1.65
C VAL B 154 -8.16 0.65 -1.60
N TYR B 155 -8.86 -0.22 -2.32
CA TYR B 155 -8.53 -1.64 -2.34
C TYR B 155 -7.18 -1.86 -2.99
N CYS B 156 -6.97 -1.32 -4.19
CA CYS B 156 -5.67 -1.46 -4.86
C CYS B 156 -4.61 -0.84 -3.95
N ALA B 157 -5.05 0.13 -3.14
CA ALA B 157 -4.17 0.81 -2.18
C ALA B 157 -3.72 -0.19 -1.13
N SER B 158 -4.67 -0.95 -0.61
CA SER B 158 -4.38 -1.94 0.41
C SER B 158 -3.64 -3.11 -0.21
N LYS B 159 -3.96 -3.44 -1.45
CA LYS B 159 -3.29 -4.56 -2.12
C LYS B 159 -1.83 -4.25 -2.49
N PHE B 160 -1.55 -3.08 -3.08
CA PHE B 160 -0.17 -2.68 -3.45
C PHE B 160 0.66 -2.76 -2.18
N ALA B 161 0.06 -2.34 -1.07
CA ALA B 161 0.70 -2.34 0.26
C ALA B 161 1.25 -3.69 0.69
N LEU B 162 0.56 -4.76 0.31
CA LEU B 162 1.01 -6.09 0.63
C LEU B 162 2.24 -6.40 -0.22
N GLU B 163 2.29 -5.87 -1.42
CA GLU B 163 3.42 -6.11 -2.31
C GLU B 163 4.72 -5.59 -1.70
N GLY B 164 4.63 -4.46 -1.02
CA GLY B 164 5.78 -3.87 -0.39
C GLY B 164 6.05 -4.53 0.93
N LEU B 165 4.99 -4.72 1.73
CA LEU B 165 5.15 -5.37 3.02
C LEU B 165 5.93 -6.68 2.89
N CYS B 166 5.44 -7.54 2.01
CA CYS B 166 6.05 -8.83 1.78
C CYS B 166 7.38 -8.78 1.01
N GLU B 167 7.46 -7.97 -0.04
CA GLU B 167 8.69 -7.88 -0.82
C GLU B 167 9.89 -7.43 0.01
N SER B 168 9.66 -6.50 0.93
CA SER B 168 10.72 -5.99 1.79
C SER B 168 11.10 -7.05 2.83
N LEU B 169 10.08 -7.68 3.43
CA LEU B 169 10.30 -8.74 4.40
C LEU B 169 11.17 -9.81 3.74
N ALA B 170 10.76 -10.23 2.54
CA ALA B 170 11.44 -11.27 1.77
C ALA B 170 12.93 -11.05 1.69
N VAL B 171 13.34 -9.80 1.45
CA VAL B 171 14.75 -9.46 1.30
C VAL B 171 15.60 -9.72 2.55
N LEU B 172 15.05 -9.36 3.70
CA LEU B 172 15.72 -9.58 4.99
C LEU B 172 15.74 -11.10 5.18
N LEU B 173 14.55 -11.70 5.05
CA LEU B 173 14.33 -13.14 5.21
C LEU B 173 15.16 -14.11 4.38
N LEU B 174 15.88 -13.61 3.38
CA LEU B 174 16.66 -14.47 2.52
C LEU B 174 17.51 -15.55 3.22
N PRO B 175 18.47 -15.14 4.07
CA PRO B 175 19.30 -16.13 4.75
C PRO B 175 18.63 -16.93 5.84
N PHE B 176 17.56 -16.40 6.42
CA PHE B 176 16.86 -17.07 7.53
C PHE B 176 16.23 -18.42 7.22
N GLY B 177 16.01 -18.74 5.96
CA GLY B 177 15.41 -20.03 5.67
C GLY B 177 13.87 -20.11 5.70
N VAL B 178 13.22 -18.97 5.84
CA VAL B 178 11.77 -18.97 5.82
C VAL B 178 11.42 -18.47 4.42
N HIS B 179 10.21 -18.76 3.94
CA HIS B 179 9.79 -18.32 2.61
C HIS B 179 8.47 -17.57 2.62
N LEU B 180 8.47 -16.45 1.93
CA LEU B 180 7.32 -15.58 1.83
C LEU B 180 7.04 -15.38 0.36
N SER B 181 5.79 -15.57 -0.04
CA SER B 181 5.42 -15.38 -1.43
C SER B 181 3.94 -15.09 -1.54
N LEU B 182 3.59 -14.21 -2.47
CA LEU B 182 2.20 -13.82 -2.67
C LEU B 182 1.61 -14.61 -3.82
N ILE B 183 0.31 -14.89 -3.73
CA ILE B 183 -0.36 -15.62 -4.79
C ILE B 183 -1.24 -14.65 -5.58
N GLU B 184 -0.62 -13.98 -6.54
CA GLU B 184 -1.25 -12.99 -7.41
C GLU B 184 -2.43 -13.48 -8.23
N CYS B 185 -3.64 -13.44 -7.65
CA CYS B 185 -4.81 -13.86 -8.39
C CYS B 185 -5.74 -12.73 -8.84
N GLY B 186 -6.45 -13.47 -9.71
CA GLY B 186 -7.27 -12.58 -10.52
C GLY B 186 -8.72 -12.83 -10.14
N PRO B 187 -9.69 -12.45 -10.98
CA PRO B 187 -11.09 -12.67 -10.66
C PRO B 187 -11.41 -14.16 -10.56
N VAL B 188 -12.02 -14.56 -9.45
CA VAL B 188 -12.36 -15.97 -9.23
C VAL B 188 -13.84 -16.11 -8.90
N HIS B 189 -14.34 -17.34 -8.95
CA HIS B 189 -15.75 -17.60 -8.64
C HIS B 189 -16.04 -17.37 -7.16
N THR B 190 -16.28 -16.12 -6.81
CA THR B 190 -16.58 -15.75 -5.44
C THR B 190 -17.73 -14.75 -5.43
N ALA B 191 -18.69 -14.97 -4.53
CA ALA B 191 -19.88 -14.12 -4.39
C ALA B 191 -19.65 -12.64 -4.62
N PHE B 192 -19.00 -11.98 -3.66
CA PHE B 192 -18.72 -10.54 -3.72
C PHE B 192 -18.56 -9.96 -5.12
N MET B 193 -17.52 -10.39 -5.83
CA MET B 193 -17.24 -9.89 -7.18
C MET B 193 -18.38 -10.08 -8.17
N GLU B 194 -18.96 -11.27 -8.20
CA GLU B 194 -20.05 -11.56 -9.12
C GLU B 194 -21.42 -11.08 -8.63
N LYS B 195 -21.48 -10.62 -7.38
CA LYS B 195 -22.72 -10.14 -6.81
C LYS B 195 -22.76 -8.63 -6.65
N VAL B 196 -21.88 -7.93 -7.35
CA VAL B 196 -21.84 -6.47 -7.29
C VAL B 196 -23.00 -5.89 -8.09
N LEU B 197 -24.19 -5.93 -7.52
CA LEU B 197 -25.39 -5.42 -8.17
C LEU B 197 -26.13 -4.50 -7.20
N GLY B 198 -26.32 -3.25 -7.61
CA GLY B 198 -27.03 -2.32 -6.76
C GLY B 198 -26.87 -0.87 -7.17
N SER B 199 -25.75 -0.25 -6.77
CA SER B 199 -25.46 1.14 -7.09
C SER B 199 -26.54 2.06 -6.52
N PRO B 200 -26.72 2.07 -5.18
CA PRO B 200 -27.73 2.88 -4.52
C PRO B 200 -27.52 4.39 -4.63
N GLU B 201 -28.57 5.15 -4.32
CA GLU B 201 -28.53 6.62 -4.35
C GLU B 201 -27.41 7.10 -3.43
N GLU B 202 -27.04 6.27 -2.45
CA GLU B 202 -25.96 6.62 -1.52
C GLU B 202 -24.74 7.06 -2.33
N VAL B 203 -24.53 6.41 -3.47
CA VAL B 203 -23.40 6.74 -4.34
C VAL B 203 -23.71 8.05 -5.02
N LEU B 204 -24.91 8.13 -5.56
CA LEU B 204 -25.36 9.31 -6.25
C LEU B 204 -25.33 10.55 -5.34
N ASP B 205 -26.01 10.50 -4.20
CA ASP B 205 -26.05 11.62 -3.25
C ASP B 205 -24.69 11.93 -2.64
N ARG B 206 -23.35 11.73 -3.52
CA ARG B 206 -22.04 11.86 -2.93
C ARG B 206 -20.95 11.83 -4.00
N THR B 207 -21.29 12.26 -5.21
CA THR B 207 -20.36 12.30 -6.32
C THR B 207 -21.04 13.15 -7.37
N ASP B 208 -20.29 13.56 -8.40
CA ASP B 208 -20.85 14.37 -9.48
C ASP B 208 -21.34 13.57 -10.67
N ILE B 209 -22.42 14.05 -11.27
CA ILE B 209 -23.05 13.42 -12.44
C ILE B 209 -22.08 12.80 -13.47
N HIS B 210 -20.89 13.37 -13.59
CA HIS B 210 -19.89 12.88 -14.53
C HIS B 210 -19.25 11.58 -14.03
N THR B 211 -18.95 11.55 -12.74
CA THR B 211 -18.35 10.37 -12.14
C THR B 211 -19.42 9.28 -12.04
N PHE B 212 -20.62 9.68 -11.60
CA PHE B 212 -21.77 8.79 -11.48
C PHE B 212 -21.86 7.89 -12.73
N HIS B 213 -21.75 8.51 -13.89
CA HIS B 213 -21.82 7.81 -15.16
C HIS B 213 -20.63 6.86 -15.40
N ARG B 214 -19.44 7.31 -15.02
CA ARG B 214 -18.26 6.48 -15.18
C ARG B 214 -18.26 5.38 -14.15
N PHE B 215 -19.10 5.51 -13.12
CA PHE B 215 -19.14 4.48 -12.10
C PHE B 215 -19.87 3.22 -12.60
N TYR B 216 -21.08 3.39 -13.10
CA TYR B 216 -21.83 2.24 -13.58
C TYR B 216 -21.17 1.58 -14.78
N GLN B 217 -20.75 2.39 -15.74
CA GLN B 217 -20.05 1.91 -16.94
C GLN B 217 -18.87 1.06 -16.52
N TYR B 218 -18.32 1.36 -15.35
CA TYR B 218 -17.22 0.57 -14.83
C TYR B 218 -17.81 -0.78 -14.46
N LEU B 219 -18.81 -0.77 -13.59
CA LEU B 219 -19.48 -2.01 -13.14
C LEU B 219 -19.85 -2.93 -14.29
N ALA B 220 -20.38 -2.35 -15.37
CA ALA B 220 -20.78 -3.11 -16.56
C ALA B 220 -19.61 -3.81 -17.21
N HIS B 221 -18.47 -3.12 -17.28
CA HIS B 221 -17.27 -3.69 -17.86
C HIS B 221 -16.76 -4.77 -16.89
N SER B 222 -16.81 -4.47 -15.61
CA SER B 222 -16.37 -5.35 -14.55
C SER B 222 -17.19 -6.64 -14.47
N LYS B 223 -18.49 -6.57 -14.74
CA LYS B 223 -19.33 -7.77 -14.70
C LYS B 223 -18.98 -8.65 -15.89
N GLN B 224 -18.75 -8.01 -17.04
CA GLN B 224 -18.37 -8.73 -18.24
C GLN B 224 -17.07 -9.50 -18.04
N VAL B 225 -15.98 -8.78 -17.74
CA VAL B 225 -14.67 -9.42 -17.54
C VAL B 225 -14.75 -10.57 -16.55
N PHE B 226 -15.49 -10.37 -15.47
CA PHE B 226 -15.64 -11.42 -14.47
C PHE B 226 -16.32 -12.61 -15.12
N ARG B 227 -17.43 -12.35 -15.80
CA ARG B 227 -18.19 -13.41 -16.49
C ARG B 227 -17.33 -14.15 -17.53
N GLU B 228 -16.15 -13.64 -17.82
CA GLU B 228 -15.31 -14.30 -18.80
C GLU B 228 -13.92 -14.62 -18.29
N ALA B 229 -13.62 -14.20 -17.07
CA ALA B 229 -12.28 -14.45 -16.53
C ALA B 229 -12.26 -14.94 -15.09
N ALA B 230 -13.37 -14.80 -14.39
CA ALA B 230 -13.44 -15.23 -13.01
C ALA B 230 -12.99 -16.66 -12.85
N GLN B 231 -12.03 -16.87 -11.94
CA GLN B 231 -11.50 -18.20 -11.61
C GLN B 231 -12.18 -18.66 -10.34
N ASN B 232 -12.53 -19.93 -10.29
CA ASN B 232 -13.17 -20.47 -9.11
C ASN B 232 -12.05 -20.80 -8.11
N PRO B 233 -12.25 -20.45 -6.82
CA PRO B 233 -11.29 -20.69 -5.74
C PRO B 233 -10.59 -22.00 -5.94
N GLU B 234 -11.33 -22.99 -6.42
CA GLU B 234 -10.81 -24.33 -6.69
C GLU B 234 -9.40 -24.27 -7.31
N GLU B 235 -9.27 -23.63 -8.47
CA GLU B 235 -7.97 -23.53 -9.12
C GLU B 235 -7.01 -22.71 -8.27
N VAL B 236 -7.48 -21.56 -7.79
CA VAL B 236 -6.70 -20.66 -6.95
C VAL B 236 -6.02 -21.39 -5.78
N ALA B 237 -6.76 -22.25 -5.08
CA ALA B 237 -6.22 -23.04 -3.98
C ALA B 237 -5.21 -23.99 -4.58
N GLU B 238 -5.45 -24.45 -5.79
CA GLU B 238 -4.48 -25.34 -6.36
C GLU B 238 -3.13 -24.60 -6.45
N VAL B 239 -3.16 -23.31 -6.78
CA VAL B 239 -1.91 -22.53 -6.88
C VAL B 239 -1.13 -22.51 -5.55
N PHE B 240 -1.83 -22.21 -4.45
CA PHE B 240 -1.18 -22.20 -3.16
C PHE B 240 -0.39 -23.49 -2.92
N LEU B 241 -0.95 -24.63 -3.32
CA LEU B 241 -0.22 -25.89 -3.15
C LEU B 241 1.04 -25.87 -4.00
N THR B 242 0.90 -25.47 -5.26
CA THR B 242 2.05 -25.43 -6.18
C THR B 242 3.22 -24.73 -5.53
N ALA B 243 2.93 -23.62 -4.88
CA ALA B 243 3.94 -22.81 -4.21
C ALA B 243 4.62 -23.56 -3.09
N LEU B 244 3.87 -23.89 -2.02
CA LEU B 244 4.47 -24.58 -0.87
C LEU B 244 5.23 -25.88 -1.19
N ARG B 245 5.04 -26.39 -2.41
CA ARG B 245 5.69 -27.60 -2.86
C ARG B 245 7.13 -27.33 -3.34
N ALA B 246 7.33 -26.23 -4.05
CA ALA B 246 8.66 -25.89 -4.56
C ALA B 246 9.67 -25.69 -3.45
N PRO B 247 10.84 -26.35 -3.54
CA PRO B 247 11.90 -26.26 -2.53
C PRO B 247 12.09 -24.80 -2.22
N LYS B 248 12.42 -24.02 -3.23
CA LYS B 248 12.58 -22.57 -3.06
C LYS B 248 11.52 -21.84 -3.89
N PRO B 249 10.40 -21.45 -3.27
CA PRO B 249 9.35 -20.74 -4.03
C PRO B 249 9.75 -19.30 -4.29
N THR B 250 9.33 -18.79 -5.43
CA THR B 250 9.63 -17.41 -5.80
C THR B 250 8.76 -16.37 -5.03
N LEU B 251 9.10 -15.10 -5.11
CA LEU B 251 8.34 -14.09 -4.38
C LEU B 251 6.90 -13.90 -4.85
N ARG B 252 6.61 -14.29 -6.09
CA ARG B 252 5.29 -14.06 -6.66
C ARG B 252 4.71 -15.17 -7.55
N TYR B 253 3.62 -15.78 -7.13
CA TYR B 253 3.00 -16.80 -7.95
C TYR B 253 1.76 -16.18 -8.61
N PHE B 254 1.55 -16.47 -9.88
CA PHE B 254 0.42 -15.93 -10.63
C PHE B 254 -0.63 -17.00 -10.97
N THR B 255 -1.81 -16.87 -10.41
CA THR B 255 -2.84 -17.84 -10.67
C THR B 255 -3.35 -17.80 -12.10
N THR B 256 -3.15 -16.68 -12.81
CA THR B 256 -3.63 -16.54 -14.19
C THR B 256 -2.66 -15.68 -14.98
N GLU B 257 -2.55 -15.92 -16.28
CA GLU B 257 -1.65 -15.14 -17.13
C GLU B 257 -2.35 -14.01 -17.91
N ARG B 258 -3.68 -13.95 -17.78
CA ARG B 258 -4.53 -12.98 -18.45
C ARG B 258 -4.11 -11.51 -18.33
N PHE B 259 -3.41 -11.16 -17.26
CA PHE B 259 -3.03 -9.77 -17.09
C PHE B 259 -1.56 -9.47 -17.28
N LEU B 260 -0.76 -10.52 -17.52
CA LEU B 260 0.67 -10.33 -17.72
C LEU B 260 1.00 -9.35 -18.84
N PRO B 261 0.29 -9.40 -19.98
CA PRO B 261 0.64 -8.42 -21.01
C PRO B 261 0.36 -6.98 -20.58
N LEU B 262 -0.69 -6.79 -19.79
CA LEU B 262 -1.04 -5.44 -19.32
C LEU B 262 0.06 -4.89 -18.40
N LEU B 263 0.59 -5.73 -17.52
CA LEU B 263 1.64 -5.31 -16.63
C LEU B 263 2.95 -5.33 -17.37
N ARG B 264 3.00 -6.11 -18.45
CA ARG B 264 4.18 -6.19 -19.29
C ARG B 264 4.38 -4.76 -19.80
N MET B 265 3.28 -4.19 -20.29
CA MET B 265 3.27 -2.83 -20.81
C MET B 265 3.82 -1.94 -19.72
N ARG B 266 3.19 -2.04 -18.55
CA ARG B 266 3.56 -1.27 -17.37
C ARG B 266 5.07 -1.15 -17.24
N LEU B 267 5.76 -2.28 -17.38
CA LEU B 267 7.21 -2.34 -17.28
C LEU B 267 7.91 -1.28 -18.12
N ASP B 268 7.65 -1.30 -19.42
CA ASP B 268 8.31 -0.38 -20.33
C ASP B 268 7.85 1.08 -20.32
N ASP B 269 7.51 1.59 -19.15
CA ASP B 269 7.09 2.98 -19.05
C ASP B 269 7.24 3.47 -17.63
N PRO B 270 8.29 4.26 -17.38
CA PRO B 270 8.53 4.81 -16.04
C PRO B 270 7.44 5.83 -15.64
N SER B 271 7.01 6.64 -16.61
CA SER B 271 5.99 7.67 -16.41
C SER B 271 4.63 7.14 -15.99
N GLY B 272 4.44 5.84 -16.14
CA GLY B 272 3.17 5.22 -15.78
C GLY B 272 2.00 5.80 -16.54
N SER B 273 2.28 6.60 -17.57
CA SER B 273 1.20 7.20 -18.31
C SER B 273 0.70 6.37 -19.49
N ASN B 274 1.55 5.53 -20.06
CA ASN B 274 1.11 4.68 -21.15
C ASN B 274 -0.02 3.82 -20.60
N TYR B 275 0.18 3.26 -19.41
CA TYR B 275 -0.82 2.40 -18.78
C TYR B 275 -2.11 3.15 -18.42
N VAL B 276 -1.98 4.27 -17.72
CA VAL B 276 -3.17 5.04 -17.37
C VAL B 276 -4.01 5.28 -18.62
N THR B 277 -3.35 5.42 -19.77
CA THR B 277 -4.06 5.61 -21.03
C THR B 277 -4.71 4.28 -21.37
N ALA B 278 -3.87 3.26 -21.53
CA ALA B 278 -4.33 1.94 -21.86
C ALA B 278 -5.46 1.49 -20.95
N MET B 279 -5.15 1.16 -19.71
CA MET B 279 -6.17 0.71 -18.79
C MET B 279 -7.44 1.56 -18.67
N HIS B 280 -7.41 2.80 -19.15
CA HIS B 280 -8.62 3.61 -19.10
C HIS B 280 -9.38 3.23 -20.34
N ARG B 281 -8.71 3.30 -21.48
CA ARG B 281 -9.27 2.94 -22.78
C ARG B 281 -9.89 1.54 -22.71
N GLU B 282 -9.31 0.69 -21.87
CA GLU B 282 -9.79 -0.66 -21.71
C GLU B 282 -10.86 -0.82 -20.66
N VAL B 283 -11.09 0.18 -19.82
CA VAL B 283 -12.14 0.04 -18.81
C VAL B 283 -13.39 0.76 -19.30
N PHE B 284 -13.16 1.95 -19.83
CA PHE B 284 -14.22 2.81 -20.29
C PHE B 284 -14.51 2.71 -21.77
PA NAP C . 10.12 15.34 7.15
O1A NAP C . 9.20 14.36 7.73
O2A NAP C . 11.03 15.92 8.12
O5B NAP C . 9.21 16.45 6.51
C5B NAP C . 7.72 16.32 6.49
C4B NAP C . 6.99 16.03 7.62
O4B NAP C . 5.56 15.79 7.41
C3B NAP C . 7.09 17.07 8.68
O3B NAP C . 8.31 17.31 9.31
C2B NAP C . 5.71 17.52 9.02
O2B NAP C . 5.57 17.81 10.45
C1B NAP C . 4.84 16.40 8.51
N9A NAP C . 3.83 15.52 9.11
C8A NAP C . 4.10 14.43 9.90
N7A NAP C . 3.02 13.86 10.42
C5A NAP C . 2.02 14.68 10.06
C6A NAP C . 0.52 14.72 10.39
N6A NAP C . -0.11 13.84 11.19
N1A NAP C . -0.17 15.71 9.76
C2A NAP C . 0.43 16.60 8.97
N3A NAP C . 1.73 16.64 8.70
C4A NAP C . 2.51 15.68 9.23
O3 NAP C . 10.95 14.96 5.94
PN NAP C . 10.98 14.75 4.37
O1N NAP C . 12.09 13.90 3.91
O2N NAP C . 10.51 16.00 3.67
O5D NAP C . 9.73 13.72 4.16
C5D NAP C . 8.44 14.27 4.32
C4D NAP C . 7.37 13.60 3.51
O4D NAP C . 7.56 13.75 2.05
C3D NAP C . 6.90 12.15 3.67
O3D NAP C . 6.78 11.44 4.93
C2D NAP C . 7.47 11.27 2.58
O2D NAP C . 8.27 10.13 2.92
C1D NAP C . 7.83 12.38 1.57
N1N NAP C . 9.06 11.87 0.95
C2N NAP C . 10.23 12.17 1.77
C3N NAP C . 11.30 11.28 1.69
C7N NAP C . 12.62 11.55 2.38
O7N NAP C . 13.30 10.60 2.88
N7N NAP C . 12.82 12.74 1.85
C4N NAP C . 11.28 10.10 0.92
C5N NAP C . 10.12 9.79 0.17
C6N NAP C . 9.04 10.67 0.17
P2B NAP C . 5.92 17.15 11.89
O1X NAP C . 5.11 18.11 12.92
O2X NAP C . 7.39 17.12 12.05
O3X NAP C . 5.35 15.74 12.01
C1 EQI D . 19.16 1.34 -0.77
C2 EQI D . 18.52 1.37 0.48
C3 EQI D . 17.77 2.45 0.90
C4 EQI D . 17.62 3.60 -0.02
C5 EQI D . 18.27 3.53 -1.23
C6 EQI D . 19.03 2.45 -1.62
C10 EQI D . 17.07 2.46 2.22
C11 EQI D . 16.13 3.60 2.46
C12 EQI D . 15.98 4.67 1.61
C13 EQI D . 16.75 4.77 0.31
C16 EQI D . 15.03 5.84 1.81
C17 EQI D . 14.01 5.92 0.63
C18 EQI D . 14.77 6.10 -0.67
C19 EQI D . 15.76 4.97 -0.88
C24 EQI D . 14.13 5.97 3.00
C25 EQI D . 13.17 7.17 2.59
C26 EQI D . 13.13 7.07 1.06
C27 EQI D . 13.07 4.69 0.55
O1 EQI D . 19.89 0.30 -1.19
O26 EQI D . 12.48 7.79 0.32
PA NAP E . -13.27 -14.00 0.68
O1A NAP E . -13.00 -12.56 1.09
O2A NAP E . -14.76 -14.23 0.78
O5B NAP E . -12.43 -15.14 1.55
C5B NAP E . -11.65 -14.60 2.71
C4B NAP E . -12.33 -13.83 3.66
O4B NAP E . -11.65 -12.90 4.61
C3B NAP E . -13.42 -14.56 4.42
O3B NAP E . -14.43 -15.21 3.68
C2B NAP E . -13.22 -14.20 5.87
O2B NAP E . -14.17 -14.28 6.93
C1B NAP E . -12.28 -13.06 5.94
N9A NAP E . -12.15 -11.94 6.88
C8A NAP E . -12.86 -10.79 6.73
N7A NAP E . -12.70 -9.83 7.66
C5A NAP E . -11.89 -10.47 8.52
C6A NAP E . -11.36 -10.02 9.83
N6A NAP E . -11.78 -8.80 10.22
N1A NAP E . -10.50 -10.86 10.49
C2A NAP E . -10.23 -12.08 10.00
N3A NAP E . -10.73 -12.57 8.84
C4A NAP E . -11.55 -11.76 8.08
O3 NAP E . -12.86 -14.59 -0.74
PN NAP E . -11.54 -14.77 -1.61
O1N NAP E . -11.63 -14.40 -3.04
O2N NAP E . -10.98 -15.90 -0.78
O5D NAP E . -10.66 -13.40 -1.20
C5D NAP E . -10.19 -13.06 0.14
C4D NAP E . -8.90 -12.28 0.43
O4D NAP E . -7.57 -12.81 -0.03
C3D NAP E . -8.53 -10.80 0.38
O3D NAP E . -9.50 -9.80 0.76
C2D NAP E . -7.81 -10.53 -0.94
O2D NAP E . -8.43 -9.78 -2.02
C1D NAP E . -7.19 -11.90 -1.14
N1N NAP E . -7.37 -12.05 -2.61
C2N NAP E . -8.73 -12.26 -3.08
C3N NAP E . -9.06 -11.85 -4.39
C7N NAP E . -10.39 -12.14 -5.09
O7N NAP E . -10.96 -11.35 -5.97
N7N NAP E . -10.25 -13.48 -4.88
C4N NAP E . -8.19 -11.21 -5.29
C5N NAP E . -6.91 -11.00 -4.78
C6N NAP E . -6.53 -11.39 -3.51
P2B NAP E . -15.61 -13.60 7.17
O1X NAP E . -16.28 -14.26 8.55
O2X NAP E . -16.51 -13.69 5.98
O3X NAP E . -15.31 -12.11 7.24
#